data_2PAQ
#
_entry.id   2PAQ
#
_cell.length_a   137.023
_cell.length_b   137.023
_cell.length_c   56.288
_cell.angle_alpha   90.00
_cell.angle_beta   90.00
_cell.angle_gamma   120.00
#
_symmetry.space_group_name_H-M   'H 3'
#
loop_
_entity.id
_entity.type
_entity.pdbx_description
1 polymer "5'-deoxynucleotidase YfbR"
2 water water
#
_entity_poly.entity_id   1
_entity_poly.type   'polypeptide(L)'
_entity_poly.pdbx_seq_one_letter_code
;GH(MSE)KQSHFFAHLSRLKLINRWPL(MSE)RNVRTENVSEHSLQVA(MSE)VAHALAAIKNRKFGGNVNAERIALLA
(MSE)YHDASEVLTGDLPTPVKYFNSQIAQEYKAIEKIAQQKLVD(MSE)VPEELRDIFAPLIDEHAYSDEEKSLVKQAD
ALCAYLKCLEELAAGNNEFLLAKTRLEATLEARRSQE(MSE)DYF(MSE)EIFVPSFHLSLDEISQDSPL
;
_entity_poly.pdbx_strand_id   A,B
#
# COMPACT_ATOMS: atom_id res chain seq x y z
N LYS A 4 -18.71 20.52 -1.67
CA LYS A 4 -18.57 19.43 -2.68
C LYS A 4 -17.16 18.87 -2.79
N GLN A 5 -16.12 19.74 -2.74
CA GLN A 5 -14.72 19.25 -2.75
C GLN A 5 -14.33 18.64 -1.40
N SER A 6 -13.72 17.47 -1.43
CA SER A 6 -13.28 16.80 -0.23
C SER A 6 -11.75 16.91 -0.19
N HIS A 7 -11.21 17.05 1.01
CA HIS A 7 -9.77 17.11 1.31
C HIS A 7 -9.20 15.74 1.70
N PHE A 8 -10.03 14.71 1.62
CA PHE A 8 -9.72 13.38 2.10
C PHE A 8 -8.46 12.81 1.51
N PHE A 9 -8.36 12.75 0.18
CA PHE A 9 -7.19 12.22 -0.48
C PHE A 9 -5.97 13.12 -0.36
N ALA A 10 -6.21 14.43 -0.36
CA ALA A 10 -5.17 15.40 -0.03
C ALA A 10 -4.62 15.05 1.36
N HIS A 11 -5.43 14.71 2.35
CA HIS A 11 -4.81 14.27 3.60
C HIS A 11 -4.15 12.89 3.59
N LEU A 12 -4.74 11.92 2.92
CA LEU A 12 -4.09 10.61 2.79
C LEU A 12 -2.65 10.67 2.21
N SER A 13 -2.50 11.55 1.23
CA SER A 13 -1.20 11.79 0.56
C SER A 13 -0.06 12.04 1.57
N ARG A 14 -0.42 12.41 2.79
CA ARG A 14 0.50 12.87 3.79
C ARG A 14 1.08 11.74 4.65
N LEU A 15 0.61 10.54 4.39
CA LEU A 15 0.98 9.41 5.19
C LEU A 15 2.49 9.19 5.04
N LYS A 16 3.02 9.51 3.87
CA LYS A 16 4.44 9.34 3.57
C LYS A 16 5.34 10.30 4.35
N LEU A 17 4.74 11.33 4.90
CA LEU A 17 5.42 12.30 5.74
C LEU A 17 5.56 11.80 7.17
N ILE A 18 4.81 10.78 7.62
CA ILE A 18 4.83 10.45 9.04
C ILE A 18 5.86 9.35 9.26
N ASN A 19 6.83 9.58 10.17
CA ASN A 19 7.94 8.69 10.38
C ASN A 19 7.77 7.75 11.54
N ARG A 20 8.17 6.50 11.37
CA ARG A 20 8.01 5.52 12.46
C ARG A 20 9.30 5.34 13.25
N TRP A 21 9.24 4.68 14.40
CA TRP A 21 10.36 4.44 15.28
C TRP A 21 11.17 5.73 15.60
N PRO A 22 10.48 6.79 16.08
CA PRO A 22 11.09 8.08 16.26
C PRO A 22 12.13 8.17 17.35
N LEU A 23 12.11 7.23 18.31
CA LEU A 23 12.98 7.39 19.47
C LEU A 23 14.36 6.75 19.31
N ARG A 25 17.83 5.73 16.52
CA ARG A 25 18.54 5.89 15.26
C ARG A 25 18.18 4.70 14.35
N ASN A 26 17.81 5.02 13.14
CA ASN A 26 17.39 4.09 12.12
C ASN A 26 18.49 4.15 11.06
N VAL A 27 18.87 3.00 10.50
CA VAL A 27 19.75 2.99 9.36
C VAL A 27 19.00 3.59 8.21
N ARG A 28 17.72 3.23 8.08
CA ARG A 28 16.80 3.80 7.11
C ARG A 28 15.50 4.10 7.84
N THR A 29 14.99 5.29 7.62
CA THR A 29 13.77 5.72 8.25
C THR A 29 12.61 5.17 7.45
N GLU A 30 11.62 4.63 8.17
CA GLU A 30 10.45 4.00 7.59
C GLU A 30 9.29 4.98 7.83
N ASN A 31 8.53 5.29 6.77
CA ASN A 31 7.31 6.08 6.90
C ASN A 31 6.07 5.20 6.93
N VAL A 32 4.93 5.82 7.34
CA VAL A 32 3.68 5.10 7.49
C VAL A 32 3.11 4.52 6.16
N SER A 33 3.39 5.20 5.07
CA SER A 33 3.02 4.72 3.74
C SER A 33 3.76 3.42 3.39
N GLU A 34 5.09 3.42 3.50
CA GLU A 34 5.91 2.20 3.34
C GLU A 34 5.50 1.05 4.26
N HIS A 35 5.29 1.34 5.54
CA HIS A 35 4.69 0.35 6.47
C HIS A 35 3.33 -0.24 6.11
N SER A 36 2.37 0.62 5.80
CA SER A 36 1.01 0.19 5.50
C SER A 36 1.00 -0.73 4.31
N LEU A 37 1.85 -0.44 3.29
CA LEU A 37 1.90 -1.31 2.15
C LEU A 37 2.42 -2.68 2.54
N GLN A 38 3.43 -2.71 3.38
CA GLN A 38 4.04 -3.98 3.71
C GLN A 38 3.10 -4.73 4.59
N VAL A 39 2.39 -4.03 5.47
CA VAL A 39 1.33 -4.66 6.30
C VAL A 39 0.22 -5.29 5.48
N ALA A 40 -0.29 -4.55 4.51
CA ALA A 40 -1.29 -5.07 3.53
C ALA A 40 -0.80 -6.30 2.78
N VAL A 42 1.61 -8.42 3.78
CA VAL A 42 1.69 -9.48 4.76
C VAL A 42 0.32 -9.97 5.19
N ALA A 43 -0.61 -9.06 5.47
CA ALA A 43 -2.00 -9.39 5.92
C ALA A 43 -2.71 -10.25 4.85
N HIS A 44 -2.64 -9.80 3.59
CA HIS A 44 -3.15 -10.57 2.47
C HIS A 44 -2.56 -11.99 2.38
N ALA A 45 -1.27 -12.07 2.55
CA ALA A 45 -0.58 -13.38 2.48
C ALA A 45 -0.99 -14.28 3.67
N LEU A 46 -1.12 -13.69 4.85
CA LEU A 46 -1.56 -14.46 5.99
C LEU A 46 -3.00 -14.94 5.83
N ALA A 47 -3.85 -14.14 5.19
CA ALA A 47 -5.20 -14.54 4.86
C ALA A 47 -5.24 -15.67 3.78
N ALA A 48 -4.48 -15.56 2.70
CA ALA A 48 -4.47 -16.54 1.64
C ALA A 48 -3.90 -17.86 2.09
N ILE A 49 -2.84 -17.82 2.91
CA ILE A 49 -2.28 -19.02 3.55
C ILE A 49 -3.30 -19.76 4.44
N LYS A 50 -4.09 -19.01 5.20
CA LYS A 50 -5.03 -19.58 6.13
C LYS A 50 -6.04 -20.31 5.30
N ASN A 51 -6.52 -19.61 4.27
CA ASN A 51 -7.48 -20.14 3.31
C ASN A 51 -6.94 -21.37 2.62
N ARG A 52 -5.72 -21.26 2.10
CA ARG A 52 -5.17 -22.29 1.27
C ARG A 52 -4.77 -23.54 2.10
N LYS A 53 -4.18 -23.37 3.28
CA LYS A 53 -3.62 -24.51 4.01
C LYS A 53 -4.27 -24.82 5.34
N PHE A 54 -4.96 -23.87 5.96
CA PHE A 54 -5.42 -24.11 7.32
C PHE A 54 -6.93 -23.95 7.51
N GLY A 55 -7.69 -24.23 6.46
CA GLY A 55 -9.17 -24.29 6.52
C GLY A 55 -9.86 -22.94 6.62
N GLY A 56 -9.19 -21.89 6.18
CA GLY A 56 -9.74 -20.52 6.23
C GLY A 56 -10.93 -20.27 5.28
N ASN A 57 -11.78 -19.32 5.65
CA ASN A 57 -12.73 -18.77 4.74
C ASN A 57 -12.79 -17.22 4.80
N VAL A 58 -11.64 -16.58 4.72
CA VAL A 58 -11.57 -15.11 4.78
C VAL A 58 -11.41 -14.47 3.41
N ASN A 59 -11.88 -13.24 3.30
CA ASN A 59 -11.75 -12.45 2.08
C ASN A 59 -10.42 -11.70 2.20
N ALA A 60 -9.43 -12.27 1.51
CA ALA A 60 -8.06 -11.85 1.62
C ALA A 60 -7.86 -10.47 0.98
N GLU A 61 -8.70 -10.14 0.01
CA GLU A 61 -8.67 -8.81 -0.61
C GLU A 61 -9.23 -7.77 0.34
N ARG A 62 -10.34 -8.08 1.06
CA ARG A 62 -10.86 -7.21 2.08
C ARG A 62 -9.78 -6.89 3.12
N ILE A 63 -9.09 -7.92 3.54
CA ILE A 63 -8.07 -7.83 4.55
C ILE A 63 -6.92 -6.89 4.10
N ALA A 64 -6.53 -7.00 2.85
CA ALA A 64 -5.49 -6.12 2.34
C ALA A 64 -5.90 -4.65 2.46
N LEU A 65 -7.11 -4.38 2.01
CA LEU A 65 -7.67 -3.03 2.03
C LEU A 65 -7.67 -2.35 3.44
N LEU A 66 -8.13 -3.12 4.42
CA LEU A 66 -8.19 -2.74 5.80
C LEU A 66 -6.84 -2.43 6.31
N ALA A 67 -5.89 -3.35 6.04
CA ALA A 67 -4.49 -3.13 6.41
C ALA A 67 -4.01 -1.83 5.83
N TYR A 69 -5.53 0.91 5.23
CA TYR A 69 -6.12 2.03 5.96
C TYR A 69 -5.97 2.03 7.48
N HIS A 70 -5.37 1.00 8.05
CA HIS A 70 -5.29 0.81 9.48
C HIS A 70 -4.64 2.01 10.21
N ASP A 71 -3.63 2.67 9.60
CA ASP A 71 -2.86 3.76 10.21
C ASP A 71 -3.18 5.13 9.62
N ALA A 72 -4.26 5.22 8.85
CA ALA A 72 -4.60 6.42 8.06
C ALA A 72 -4.74 7.68 8.86
N SER A 73 -5.28 7.55 10.06
CA SER A 73 -5.59 8.70 10.90
C SER A 73 -4.34 9.35 11.46
N GLU A 74 -3.21 8.69 11.27
CA GLU A 74 -1.95 9.22 11.70
C GLU A 74 -1.53 10.45 10.91
N VAL A 75 -2.19 10.72 9.78
CA VAL A 75 -1.96 11.99 9.10
C VAL A 75 -2.47 13.20 9.88
N LEU A 76 -3.41 12.98 10.81
CA LEU A 76 -3.83 14.04 11.77
C LEU A 76 -3.11 14.09 13.16
N THR A 77 -2.65 12.94 13.61
CA THR A 77 -2.10 12.77 14.94
C THR A 77 -0.59 12.62 14.96
N GLY A 78 -0.03 12.16 13.85
CA GLY A 78 1.34 11.65 13.86
C GLY A 78 1.40 10.30 14.55
N ASP A 79 2.62 9.81 14.72
CA ASP A 79 2.90 8.47 15.18
C ASP A 79 3.19 8.56 16.68
N LEU A 80 2.44 7.86 17.52
CA LEU A 80 2.83 7.80 18.92
C LEU A 80 3.40 6.43 19.25
N PRO A 81 4.73 6.33 19.45
CA PRO A 81 5.30 5.02 19.77
C PRO A 81 4.63 4.25 20.93
N THR A 82 4.77 2.93 20.88
CA THR A 82 4.07 2.01 21.75
C THR A 82 4.47 2.20 23.19
N PRO A 83 3.49 2.56 24.05
CA PRO A 83 3.82 3.10 25.39
C PRO A 83 5.06 2.55 26.06
N GLN A 93 -3.37 5.15 27.47
CA GLN A 93 -4.31 4.38 26.61
C GLN A 93 -5.68 5.06 26.37
N GLU A 94 -5.88 6.25 26.98
CA GLU A 94 -6.82 7.31 26.49
C GLU A 94 -6.38 7.83 25.08
N TYR A 95 -5.19 7.44 24.67
CA TYR A 95 -4.77 7.66 23.31
C TYR A 95 -5.61 6.91 22.25
N LYS A 96 -6.27 5.83 22.69
CA LYS A 96 -7.28 5.14 21.86
C LYS A 96 -8.47 6.05 21.57
N ALA A 97 -8.99 6.77 22.57
CA ALA A 97 -10.10 7.70 22.33
C ALA A 97 -9.70 8.82 21.34
N ILE A 98 -8.45 9.28 21.43
CA ILE A 98 -7.89 10.30 20.53
C ILE A 98 -7.69 9.87 19.07
N GLU A 99 -7.33 8.61 18.89
CA GLU A 99 -7.26 7.98 17.59
C GLU A 99 -8.68 7.82 17.08
N LYS A 100 -9.60 7.50 17.98
CA LYS A 100 -11.01 7.44 17.64
C LYS A 100 -11.46 8.79 17.11
N ILE A 101 -10.96 9.88 17.69
CA ILE A 101 -11.34 11.22 17.25
C ILE A 101 -10.76 11.59 15.88
N ALA A 102 -9.51 11.18 15.64
CA ALA A 102 -8.84 11.52 14.39
C ALA A 102 -9.48 10.82 13.19
N GLN A 103 -9.81 9.55 13.41
CA GLN A 103 -10.58 8.71 12.47
C GLN A 103 -11.85 9.37 12.06
N GLN A 104 -12.66 9.73 13.01
CA GLN A 104 -13.93 10.32 12.68
C GLN A 104 -13.69 11.65 11.94
N LYS A 105 -12.74 12.48 12.37
CA LYS A 105 -12.32 13.66 11.53
C LYS A 105 -12.04 13.29 10.07
N LEU A 106 -11.34 12.19 9.87
CA LEU A 106 -10.97 11.76 8.53
C LEU A 106 -12.23 11.29 7.77
N VAL A 107 -13.02 10.44 8.43
CA VAL A 107 -14.34 10.01 7.96
C VAL A 107 -15.23 11.21 7.61
N ASP A 108 -15.31 12.22 8.44
CA ASP A 108 -16.12 13.42 8.12
C ASP A 108 -15.72 14.15 6.83
N VAL A 110 -14.96 12.65 3.95
CA VAL A 110 -15.42 11.88 2.80
C VAL A 110 -16.79 12.44 2.26
N PRO A 111 -16.91 12.52 0.93
CA PRO A 111 -18.21 13.04 0.51
C PRO A 111 -19.29 12.15 1.08
N GLU A 112 -20.31 12.78 1.56
CA GLU A 112 -21.46 12.10 2.11
C GLU A 112 -21.90 10.84 1.28
N GLU A 113 -21.96 10.96 -0.03
CA GLU A 113 -22.39 9.87 -0.89
C GLU A 113 -21.50 8.62 -0.90
N LEU A 114 -20.24 8.75 -0.47
CA LEU A 114 -19.29 7.64 -0.37
C LEU A 114 -18.89 7.21 1.03
N ARG A 115 -19.45 7.88 2.04
CA ARG A 115 -18.88 7.82 3.38
C ARG A 115 -19.07 6.44 4.00
N ASP A 116 -20.19 5.78 3.68
CA ASP A 116 -20.43 4.41 4.15
C ASP A 116 -19.41 3.42 3.53
N ILE A 117 -18.75 3.77 2.43
CA ILE A 117 -17.74 2.88 1.88
C ILE A 117 -16.46 2.98 2.69
N PHE A 118 -16.09 4.23 2.95
CA PHE A 118 -14.83 4.60 3.57
C PHE A 118 -14.81 4.56 5.07
N ALA A 119 -15.96 4.80 5.70
CA ALA A 119 -16.03 4.88 7.14
C ALA A 119 -15.48 3.60 7.77
N PRO A 120 -15.97 2.40 7.33
CA PRO A 120 -15.54 1.14 7.92
C PRO A 120 -14.10 0.76 7.69
N LEU A 121 -13.47 1.32 6.65
CA LEU A 121 -12.06 1.12 6.41
C LEU A 121 -11.26 1.93 7.43
N ILE A 122 -11.73 3.09 7.85
CA ILE A 122 -10.90 3.97 8.68
C ILE A 122 -11.05 3.61 10.16
N ASP A 123 -12.27 3.27 10.61
CA ASP A 123 -12.59 2.91 12.00
C ASP A 123 -12.56 1.39 12.20
N GLU A 124 -12.13 0.96 13.36
CA GLU A 124 -12.04 -0.49 13.64
C GLU A 124 -13.46 -0.96 13.96
N HIS A 125 -14.33 -1.01 12.93
CA HIS A 125 -15.80 -1.13 13.17
C HIS A 125 -16.45 -2.17 12.28
N ALA A 126 -16.22 -2.06 10.98
CA ALA A 126 -16.38 -3.21 10.08
C ALA A 126 -15.72 -4.46 10.64
N TYR A 127 -14.48 -4.33 11.14
CA TYR A 127 -13.58 -5.48 11.27
C TYR A 127 -14.32 -6.67 11.95
N SER A 128 -14.48 -7.82 11.27
CA SER A 128 -14.82 -9.06 11.99
C SER A 128 -13.61 -9.39 12.89
N ASP A 129 -13.79 -10.11 13.98
CA ASP A 129 -12.62 -10.45 14.84
C ASP A 129 -11.41 -11.13 14.12
N GLU A 130 -11.67 -12.10 13.24
CA GLU A 130 -10.61 -12.75 12.44
C GLU A 130 -9.90 -11.70 11.56
N GLU A 131 -10.69 -10.77 11.05
CA GLU A 131 -10.15 -9.73 10.22
C GLU A 131 -9.27 -8.78 11.01
N LYS A 132 -9.68 -8.37 12.20
CA LYS A 132 -8.80 -7.54 13.01
C LYS A 132 -7.55 -8.27 13.46
N SER A 133 -7.68 -9.54 13.78
CA SER A 133 -6.55 -10.39 14.18
C SER A 133 -5.44 -10.59 13.10
N LEU A 134 -5.84 -10.88 11.86
CA LEU A 134 -4.92 -10.94 10.76
C LEU A 134 -4.18 -9.63 10.52
N VAL A 135 -4.83 -8.49 10.70
CA VAL A 135 -4.09 -7.23 10.44
C VAL A 135 -3.07 -6.97 11.51
N LYS A 136 -3.44 -7.27 12.76
CA LYS A 136 -2.55 -7.15 13.90
C LYS A 136 -1.38 -8.12 13.86
N GLN A 137 -1.63 -9.33 13.36
CA GLN A 137 -0.54 -10.27 13.12
C GLN A 137 0.43 -9.65 12.15
N ALA A 138 -0.09 -9.15 11.04
CA ALA A 138 0.74 -8.56 10.02
C ALA A 138 1.53 -7.32 10.51
N ASP A 139 0.86 -6.45 11.23
CA ASP A 139 1.54 -5.27 11.82
C ASP A 139 2.72 -5.69 12.75
N ALA A 140 2.48 -6.69 13.59
CA ALA A 140 3.53 -7.19 14.47
C ALA A 140 4.63 -7.80 13.69
N LEU A 141 4.29 -8.59 12.65
CA LEU A 141 5.33 -9.19 11.79
C LEU A 141 6.21 -8.12 11.13
N CYS A 142 5.58 -7.07 10.64
CA CYS A 142 6.30 -6.00 9.87
C CYS A 142 7.20 -5.14 10.80
N ALA A 143 6.74 -4.93 12.03
CA ALA A 143 7.55 -4.33 13.05
C ALA A 143 8.76 -5.18 13.36
N TYR A 144 8.56 -6.49 13.51
CA TYR A 144 9.62 -7.45 13.66
C TYR A 144 10.62 -7.55 12.50
N LEU A 145 10.13 -7.67 11.29
CA LEU A 145 10.92 -7.61 10.07
C LEU A 145 11.82 -6.36 10.00
N LYS A 146 11.30 -5.22 10.41
CA LYS A 146 12.09 -3.96 10.46
C LYS A 146 13.22 -4.01 11.48
N CYS A 147 12.94 -4.54 12.66
CA CYS A 147 13.97 -4.83 13.68
C CYS A 147 15.05 -5.70 13.09
N LEU A 148 14.68 -6.78 12.37
CA LEU A 148 15.70 -7.68 11.69
C LEU A 148 16.57 -6.87 10.67
N GLU A 149 15.92 -5.99 9.89
CA GLU A 149 16.61 -5.22 8.89
C GLU A 149 17.63 -4.32 9.51
N GLU A 150 17.24 -3.66 10.58
CA GLU A 150 18.14 -2.73 11.25
C GLU A 150 19.30 -3.49 11.90
N LEU A 151 19.01 -4.63 12.53
CA LEU A 151 20.07 -5.43 13.19
C LEU A 151 21.12 -5.90 12.19
N ALA A 152 20.67 -6.26 11.00
CA ALA A 152 21.53 -6.84 10.01
C ALA A 152 22.38 -5.79 9.32
N ALA A 153 21.91 -4.54 9.33
CA ALA A 153 22.68 -3.35 8.96
C ALA A 153 23.65 -2.83 10.07
N GLY A 154 23.69 -3.51 11.21
CA GLY A 154 24.63 -3.12 12.29
C GLY A 154 24.08 -2.24 13.41
N ASN A 155 22.75 -2.14 13.53
CA ASN A 155 22.10 -1.18 14.45
C ASN A 155 21.50 -1.91 15.64
N ASN A 156 22.19 -1.81 16.77
CA ASN A 156 21.84 -2.47 18.02
C ASN A 156 20.72 -1.79 18.79
N GLU A 157 20.34 -0.57 18.39
CA GLU A 157 19.23 0.15 19.04
C GLU A 157 17.91 -0.63 18.93
N PHE A 158 17.83 -1.58 17.99
CA PHE A 158 16.61 -2.35 17.77
C PHE A 158 16.52 -3.71 18.45
N LEU A 159 17.51 -4.09 19.25
CA LEU A 159 17.49 -5.41 19.94
C LEU A 159 16.30 -5.56 20.89
N LEU A 160 16.25 -4.61 21.78
CA LEU A 160 15.19 -4.49 22.74
C LEU A 160 13.80 -4.51 22.07
N ALA A 161 13.63 -3.80 20.96
CA ALA A 161 12.31 -3.81 20.29
C ALA A 161 12.04 -5.19 19.74
N LYS A 162 13.09 -5.82 19.23
CA LYS A 162 13.00 -7.16 18.70
C LYS A 162 12.48 -8.09 19.79
N THR A 163 13.12 -8.03 20.95
CA THR A 163 12.74 -8.92 22.05
C THR A 163 11.27 -8.75 22.44
N ARG A 164 10.78 -7.52 22.53
CA ARG A 164 9.39 -7.30 22.86
C ARG A 164 8.41 -7.57 21.75
N LEU A 165 8.83 -7.45 20.48
CA LEU A 165 7.98 -7.87 19.37
C LEU A 165 7.84 -9.39 19.26
N GLU A 166 8.84 -10.11 19.71
CA GLU A 166 8.71 -11.57 19.79
C GLU A 166 7.65 -12.03 20.80
N ALA A 167 7.45 -11.29 21.89
CA ALA A 167 6.40 -11.63 22.86
C ALA A 167 5.05 -11.29 22.26
N THR A 168 4.95 -10.15 21.57
CA THR A 168 3.73 -9.78 20.81
C THR A 168 3.35 -10.84 19.75
N LEU A 169 4.35 -11.43 19.09
CA LEU A 169 4.12 -12.42 18.06
C LEU A 169 3.68 -13.78 18.63
N GLU A 170 4.37 -14.28 19.67
CA GLU A 170 3.85 -15.41 20.46
C GLU A 170 2.37 -15.21 20.89
N ALA A 171 2.10 -14.05 21.49
CA ALA A 171 0.73 -13.73 21.92
C ALA A 171 -0.26 -13.77 20.76
N ARG A 172 0.18 -13.36 19.56
CA ARG A 172 -0.70 -13.37 18.36
C ARG A 172 -0.49 -14.62 17.52
N ARG A 173 0.19 -15.61 18.07
CA ARG A 173 0.60 -16.76 17.29
C ARG A 173 -0.60 -17.41 16.59
N SER A 174 -0.40 -17.86 15.35
CA SER A 174 -1.40 -18.61 14.59
C SER A 174 -0.69 -19.57 13.66
N GLN A 175 -1.45 -20.48 13.07
CA GLN A 175 -0.90 -21.40 12.07
C GLN A 175 -0.32 -20.65 10.86
N GLU A 176 -1.12 -19.75 10.29
CA GLU A 176 -0.70 -19.01 9.12
C GLU A 176 0.52 -18.18 9.40
N ASP A 178 2.87 -19.03 11.58
CA ASP A 178 3.91 -20.06 11.74
C ASP A 178 4.48 -20.38 10.35
N TYR A 179 3.59 -20.74 9.41
CA TYR A 179 3.92 -20.82 8.00
C TYR A 179 4.73 -19.59 7.49
N PHE A 180 4.20 -18.38 7.62
CA PHE A 180 4.93 -17.21 7.13
C PHE A 180 6.37 -17.11 7.65
N GLU A 182 8.23 -19.55 9.05
CA GLU A 182 9.04 -20.68 8.56
C GLU A 182 9.46 -20.54 7.07
N ILE A 183 8.60 -20.00 6.22
CA ILE A 183 8.92 -19.95 4.78
C ILE A 183 9.54 -18.65 4.27
N PHE A 184 9.00 -17.53 4.69
CA PHE A 184 9.36 -16.23 4.15
C PHE A 184 10.32 -15.33 4.99
N VAL A 185 10.43 -15.61 6.29
CA VAL A 185 11.13 -14.70 7.23
C VAL A 185 12.66 -14.93 7.44
N PRO A 186 13.14 -16.17 7.31
CA PRO A 186 14.62 -16.29 7.51
C PRO A 186 15.42 -15.60 6.43
N SER A 187 14.84 -15.45 5.22
CA SER A 187 15.52 -14.81 4.08
C SER A 187 15.83 -13.32 4.27
N PHE A 188 15.14 -12.63 5.19
CA PHE A 188 15.50 -11.24 5.51
C PHE A 188 16.84 -11.25 6.32
N HIS A 189 17.86 -11.88 5.72
CA HIS A 189 19.10 -12.30 6.42
C HIS A 189 18.81 -13.06 7.71
N LYS B 4 12.29 -24.96 0.21
CA LYS B 4 11.39 -24.74 1.37
C LYS B 4 11.19 -23.26 1.47
N GLN B 5 12.27 -22.56 1.84
CA GLN B 5 12.23 -21.12 2.06
C GLN B 5 12.22 -20.30 0.75
N SER B 6 11.31 -19.34 0.70
CA SER B 6 11.13 -18.44 -0.44
C SER B 6 11.74 -17.06 -0.14
N HIS B 7 12.33 -16.42 -1.15
CA HIS B 7 12.87 -15.06 -1.01
C HIS B 7 11.85 -14.01 -1.50
N PHE B 8 10.60 -14.41 -1.77
CA PHE B 8 9.61 -13.52 -2.35
C PHE B 8 9.40 -12.22 -1.58
N PHE B 9 9.05 -12.36 -0.31
CA PHE B 9 8.75 -11.19 0.51
C PHE B 9 10.01 -10.41 0.83
N ALA B 10 11.12 -11.14 0.95
CA ALA B 10 12.42 -10.50 1.06
C ALA B 10 12.66 -9.53 -0.10
N HIS B 11 12.33 -9.94 -1.33
CA HIS B 11 12.53 -9.02 -2.46
C HIS B 11 11.50 -7.88 -2.40
N LEU B 12 10.24 -8.21 -2.17
CA LEU B 12 9.17 -7.18 -2.05
C LEU B 12 9.56 -6.06 -1.06
N SER B 13 10.23 -6.40 0.04
CA SER B 13 10.68 -5.42 1.01
C SER B 13 11.59 -4.35 0.39
N ARG B 14 12.03 -4.52 -0.86
CA ARG B 14 12.95 -3.58 -1.51
C ARG B 14 12.23 -2.57 -2.37
N LEU B 15 10.91 -2.63 -2.41
CA LEU B 15 10.19 -1.66 -3.22
C LEU B 15 10.47 -0.21 -2.82
N LYS B 16 10.57 0.00 -1.51
CA LYS B 16 10.80 1.30 -0.91
C LYS B 16 12.15 1.88 -1.33
N LEU B 17 13.06 1.03 -1.78
CA LEU B 17 14.39 1.43 -2.21
C LEU B 17 14.36 1.95 -3.62
N ILE B 18 13.29 1.68 -4.38
CA ILE B 18 13.32 2.07 -5.77
C ILE B 18 12.72 3.44 -5.91
N ASN B 19 13.47 4.38 -6.44
CA ASN B 19 13.00 5.77 -6.48
C ASN B 19 12.41 6.10 -7.82
N ARG B 20 11.36 6.90 -7.81
CA ARG B 20 10.75 7.29 -9.03
C ARG B 20 11.22 8.65 -9.49
N TRP B 21 10.86 9.01 -10.71
CA TRP B 21 11.20 10.32 -11.31
C TRP B 21 12.67 10.66 -11.22
N PRO B 22 13.54 9.76 -11.73
CA PRO B 22 14.96 9.98 -11.45
C PRO B 22 15.66 11.03 -12.31
N LEU B 23 15.06 11.38 -13.44
CA LEU B 23 15.77 12.25 -14.39
C LEU B 23 15.60 13.70 -14.01
N ARG B 25 15.23 16.88 -10.60
CA ARG B 25 15.29 17.26 -9.20
C ARG B 25 13.91 17.16 -8.57
N ASN B 26 13.82 16.41 -7.48
CA ASN B 26 12.59 16.25 -6.75
C ASN B 26 12.72 17.05 -5.47
N VAL B 27 11.67 17.81 -5.14
CA VAL B 27 11.53 18.43 -3.84
C VAL B 27 11.43 17.34 -2.77
N ARG B 28 10.66 16.31 -3.06
CA ARG B 28 10.67 15.12 -2.23
C ARG B 28 10.74 13.86 -3.11
N THR B 29 11.72 13.00 -2.85
CA THR B 29 11.84 11.75 -3.57
C THR B 29 10.69 10.80 -3.22
N GLU B 30 10.07 10.25 -4.24
CA GLU B 30 8.97 9.29 -4.11
C GLU B 30 9.51 7.90 -4.47
N ASN B 31 9.33 6.91 -3.61
CA ASN B 31 9.73 5.57 -3.92
C ASN B 31 8.50 4.75 -4.41
N VAL B 32 8.77 3.53 -4.88
CA VAL B 32 7.70 2.75 -5.54
C VAL B 32 6.69 2.24 -4.52
N SER B 33 7.13 2.07 -3.28
CA SER B 33 6.24 1.56 -2.20
C SER B 33 5.17 2.61 -1.83
N GLU B 34 5.63 3.84 -1.70
CA GLU B 34 4.75 4.98 -1.54
C GLU B 34 3.78 5.21 -2.70
N HIS B 35 4.30 5.20 -3.92
CA HIS B 35 3.49 5.33 -5.10
C HIS B 35 2.41 4.29 -5.18
N SER B 36 2.79 3.07 -4.84
CA SER B 36 1.96 1.89 -4.97
C SER B 36 0.78 1.93 -3.94
N LEU B 37 1.02 2.37 -2.68
CA LEU B 37 -0.05 2.49 -1.73
C LEU B 37 -1.05 3.53 -2.25
N GLN B 38 -0.54 4.63 -2.81
CA GLN B 38 -1.36 5.75 -3.25
C GLN B 38 -2.23 5.31 -4.44
N VAL B 39 -1.63 4.57 -5.35
CA VAL B 39 -2.32 4.00 -6.50
C VAL B 39 -3.38 2.99 -6.04
N ALA B 40 -3.10 2.15 -5.03
CA ALA B 40 -4.08 1.20 -4.48
C ALA B 40 -5.26 1.99 -3.95
N VAL B 42 -6.27 5.19 -4.69
CA VAL B 42 -6.99 5.86 -5.76
C VAL B 42 -7.77 4.84 -6.62
N ALA B 43 -7.18 3.70 -6.87
CA ALA B 43 -7.82 2.72 -7.74
C ALA B 43 -9.08 2.12 -7.05
N HIS B 44 -8.97 1.79 -5.79
CA HIS B 44 -10.09 1.38 -5.02
C HIS B 44 -11.17 2.45 -4.97
N ALA B 45 -10.80 3.71 -4.75
CA ALA B 45 -11.77 4.77 -4.86
C ALA B 45 -12.44 4.88 -6.24
N LEU B 46 -11.68 4.79 -7.34
CA LEU B 46 -12.28 4.82 -8.69
C LEU B 46 -13.31 3.72 -8.90
N ALA B 47 -12.97 2.53 -8.41
CA ALA B 47 -13.80 1.35 -8.47
C ALA B 47 -15.10 1.53 -7.67
N ALA B 48 -14.99 2.03 -6.45
CA ALA B 48 -16.11 2.33 -5.55
C ALA B 48 -17.05 3.38 -6.13
N ILE B 49 -16.46 4.42 -6.69
CA ILE B 49 -17.20 5.43 -7.38
C ILE B 49 -17.97 4.84 -8.57
N LYS B 50 -17.31 4.03 -9.41
CA LYS B 50 -17.93 3.44 -10.53
C LYS B 50 -19.11 2.52 -10.13
N ASN B 51 -18.93 1.75 -9.05
CA ASN B 51 -19.98 0.93 -8.48
C ASN B 51 -21.08 1.81 -7.91
N ARG B 52 -20.72 2.83 -7.16
CA ARG B 52 -21.75 3.56 -6.45
C ARG B 52 -22.57 4.47 -7.39
N LYS B 53 -21.90 5.06 -8.36
CA LYS B 53 -22.52 6.11 -9.14
C LYS B 53 -22.79 5.83 -10.62
N PHE B 54 -22.09 4.85 -11.19
CA PHE B 54 -22.07 4.68 -12.64
C PHE B 54 -22.26 3.23 -13.07
N GLY B 55 -23.04 2.50 -12.29
CA GLY B 55 -23.51 1.18 -12.73
C GLY B 55 -22.46 0.07 -12.69
N GLY B 56 -21.35 0.30 -12.00
CA GLY B 56 -20.24 -0.69 -12.05
C GLY B 56 -20.55 -1.95 -11.27
N ASN B 57 -19.84 -3.04 -11.57
CA ASN B 57 -19.95 -4.26 -10.79
C ASN B 57 -18.51 -4.79 -10.59
N VAL B 58 -17.68 -3.91 -10.04
CA VAL B 58 -16.27 -4.18 -9.86
C VAL B 58 -15.97 -4.64 -8.44
N ASN B 59 -15.09 -5.63 -8.32
CA ASN B 59 -14.55 -6.01 -7.07
C ASN B 59 -13.44 -4.98 -6.69
N ALA B 60 -13.85 -3.94 -6.00
CA ALA B 60 -12.91 -2.83 -5.64
C ALA B 60 -11.80 -3.25 -4.67
N GLU B 61 -12.04 -4.25 -3.85
CA GLU B 61 -11.03 -4.71 -2.92
C GLU B 61 -9.98 -5.38 -3.76
N ARG B 62 -10.42 -6.14 -4.76
CA ARG B 62 -9.47 -6.83 -5.68
C ARG B 62 -8.58 -5.85 -6.44
N ILE B 63 -9.21 -4.76 -6.89
CA ILE B 63 -8.55 -3.73 -7.61
C ILE B 63 -7.39 -3.08 -6.77
N ALA B 64 -7.66 -2.79 -5.50
CA ALA B 64 -6.68 -2.31 -4.55
C ALA B 64 -5.45 -3.25 -4.51
N LEU B 65 -5.71 -4.53 -4.36
CA LEU B 65 -4.68 -5.57 -4.26
C LEU B 65 -3.84 -5.63 -5.54
N LEU B 66 -4.47 -5.54 -6.70
CA LEU B 66 -3.74 -5.48 -7.96
C LEU B 66 -2.85 -4.29 -8.03
N ALA B 67 -3.39 -3.15 -7.59
CA ALA B 67 -2.65 -1.90 -7.58
C ALA B 67 -1.45 -2.01 -6.68
N TYR B 69 0.41 -4.52 -6.10
CA TYR B 69 1.45 -5.38 -6.71
C TYR B 69 1.83 -4.95 -8.14
N HIS B 70 1.22 -3.91 -8.64
CA HIS B 70 1.31 -3.62 -10.07
C HIS B 70 2.76 -3.36 -10.52
N ASP B 71 3.56 -2.67 -9.68
CA ASP B 71 4.96 -2.30 -9.95
C ASP B 71 5.96 -3.16 -9.22
N ALA B 72 5.53 -4.30 -8.69
CA ALA B 72 6.33 -5.16 -7.85
C ALA B 72 7.60 -5.66 -8.52
N SER B 73 7.55 -6.07 -9.80
CA SER B 73 8.76 -6.50 -10.53
C SER B 73 9.92 -5.50 -10.52
N GLU B 74 9.65 -4.23 -10.24
CA GLU B 74 10.71 -3.21 -10.22
C GLU B 74 11.72 -3.45 -9.16
N VAL B 75 11.45 -4.27 -8.14
CA VAL B 75 12.55 -4.65 -7.25
C VAL B 75 13.69 -5.36 -8.00
N LEU B 76 13.35 -5.94 -9.16
CA LEU B 76 14.36 -6.70 -9.95
C LEU B 76 14.95 -5.87 -11.08
N THR B 77 14.26 -4.86 -11.56
CA THR B 77 14.69 -4.11 -12.74
C THR B 77 15.11 -2.68 -12.43
N GLY B 78 14.61 -2.13 -11.32
CA GLY B 78 14.67 -0.71 -11.13
C GLY B 78 13.51 -0.07 -11.89
N ASP B 79 13.53 1.24 -11.86
CA ASP B 79 12.53 2.10 -12.44
C ASP B 79 13.05 2.42 -13.82
N LEU B 80 12.34 2.15 -14.89
CA LEU B 80 12.80 2.73 -16.18
C LEU B 80 11.82 3.84 -16.49
N PRO B 81 12.31 5.10 -16.46
CA PRO B 81 11.41 6.22 -16.60
C PRO B 81 10.87 6.30 -18.02
N THR B 82 9.63 6.71 -18.17
CA THR B 82 8.99 6.72 -19.47
C THR B 82 8.96 8.16 -19.96
N PRO B 83 9.53 8.43 -21.16
CA PRO B 83 9.47 9.77 -21.76
C PRO B 83 8.25 10.00 -22.67
N GLU B 94 10.12 -3.30 -26.40
CA GLU B 94 10.67 -4.57 -25.87
C GLU B 94 11.04 -4.52 -24.38
N TYR B 95 10.96 -3.34 -23.77
CA TYR B 95 11.17 -3.22 -22.33
C TYR B 95 9.96 -3.79 -21.51
N LYS B 96 8.81 -3.80 -22.16
CA LYS B 96 7.72 -4.66 -21.73
C LYS B 96 8.30 -6.09 -21.57
N ALA B 97 9.36 -6.44 -22.31
CA ALA B 97 10.05 -7.75 -22.14
C ALA B 97 11.00 -7.85 -20.94
N ILE B 98 11.68 -6.76 -20.57
CA ILE B 98 12.38 -6.74 -19.28
C ILE B 98 11.29 -7.05 -18.23
N GLU B 99 10.21 -6.29 -18.31
CA GLU B 99 9.15 -6.36 -17.33
C GLU B 99 8.54 -7.77 -17.26
N LYS B 100 8.14 -8.35 -18.38
CA LYS B 100 7.54 -9.69 -18.34
C LYS B 100 8.47 -10.71 -17.66
N ILE B 101 9.76 -10.61 -17.94
CA ILE B 101 10.72 -11.57 -17.41
C ILE B 101 10.81 -11.41 -15.89
N ALA B 102 10.82 -10.15 -15.47
CA ALA B 102 11.02 -9.77 -14.10
C ALA B 102 9.82 -10.27 -13.28
N GLN B 103 8.64 -10.06 -13.84
CA GLN B 103 7.41 -10.50 -13.19
C GLN B 103 7.44 -12.02 -13.02
N GLN B 104 7.88 -12.75 -14.04
CA GLN B 104 7.95 -14.22 -13.96
C GLN B 104 8.94 -14.70 -12.90
N LYS B 105 10.11 -14.08 -12.90
CA LYS B 105 11.12 -14.35 -11.90
C LYS B 105 10.65 -14.05 -10.49
N LEU B 106 9.82 -13.03 -10.34
CA LEU B 106 9.26 -12.75 -9.07
C LEU B 106 8.23 -13.83 -8.71
N VAL B 107 7.29 -14.12 -9.62
CA VAL B 107 6.33 -15.21 -9.41
C VAL B 107 7.03 -16.57 -9.16
N ASP B 108 8.16 -16.83 -9.79
CA ASP B 108 8.91 -18.07 -9.53
C ASP B 108 9.45 -18.19 -8.11
N VAL B 110 7.59 -17.58 -5.44
CA VAL B 110 6.46 -17.93 -4.59
C VAL B 110 6.41 -19.45 -4.52
N PRO B 111 6.21 -20.01 -3.30
CA PRO B 111 6.12 -21.47 -3.18
C PRO B 111 5.03 -21.95 -4.11
N GLU B 112 5.26 -23.13 -4.67
CA GLU B 112 4.45 -23.66 -5.74
C GLU B 112 3.01 -23.71 -5.34
N GLU B 113 2.74 -24.11 -4.09
CA GLU B 113 1.35 -24.27 -3.63
C GLU B 113 0.59 -22.94 -3.44
N LEU B 114 1.29 -21.82 -3.47
CA LEU B 114 0.70 -20.51 -3.29
C LEU B 114 0.80 -19.61 -4.52
N ARG B 115 1.44 -20.09 -5.54
CA ARG B 115 1.79 -19.30 -6.73
C ARG B 115 0.60 -18.80 -7.57
N ASP B 116 -0.44 -19.62 -7.65
CA ASP B 116 -1.67 -19.25 -8.40
C ASP B 116 -2.36 -18.07 -7.65
N ILE B 117 -2.02 -17.84 -6.37
CA ILE B 117 -2.58 -16.66 -5.66
C ILE B 117 -1.96 -15.33 -6.16
N PHE B 118 -0.65 -15.39 -6.38
CA PHE B 118 0.18 -14.22 -6.60
C PHE B 118 0.46 -13.87 -8.07
N ALA B 119 0.40 -14.89 -8.93
CA ALA B 119 0.62 -14.70 -10.36
C ALA B 119 -0.31 -13.65 -10.99
N PRO B 120 -1.63 -13.72 -10.74
CA PRO B 120 -2.47 -12.69 -11.35
C PRO B 120 -2.43 -11.35 -10.64
N LEU B 121 -1.64 -11.23 -9.57
CA LEU B 121 -1.51 -9.94 -8.94
C LEU B 121 -0.36 -9.19 -9.56
N ILE B 122 0.71 -9.93 -9.87
CA ILE B 122 1.97 -9.37 -10.34
C ILE B 122 2.03 -9.15 -11.86
N ASP B 123 1.39 -10.04 -12.58
CA ASP B 123 1.43 -10.17 -14.03
C ASP B 123 0.26 -9.37 -14.57
N GLU B 124 0.54 -8.21 -15.17
CA GLU B 124 -0.51 -7.32 -15.69
C GLU B 124 -1.34 -7.97 -16.82
N HIS B 125 -0.80 -8.95 -17.48
CA HIS B 125 -1.53 -9.63 -18.55
C HIS B 125 -2.64 -10.46 -18.04
N ALA B 126 -2.58 -10.79 -16.76
CA ALA B 126 -3.61 -11.51 -16.11
C ALA B 126 -4.79 -10.61 -15.69
N TYR B 127 -4.71 -9.28 -15.91
CA TYR B 127 -5.76 -8.38 -15.44
C TYR B 127 -6.88 -8.37 -16.48
N SER B 128 -8.14 -8.35 -16.05
CA SER B 128 -9.23 -8.14 -16.97
C SER B 128 -9.08 -6.73 -17.56
N ASP B 129 -9.73 -6.48 -18.67
CA ASP B 129 -9.67 -5.15 -19.27
C ASP B 129 -10.17 -3.99 -18.33
N GLU B 130 -11.19 -4.25 -17.53
CA GLU B 130 -11.70 -3.27 -16.60
C GLU B 130 -10.71 -3.04 -15.41
N GLU B 131 -10.18 -4.13 -14.90
CA GLU B 131 -9.21 -4.07 -13.83
C GLU B 131 -7.98 -3.29 -14.27
N LYS B 132 -7.47 -3.60 -15.45
CA LYS B 132 -6.32 -2.87 -15.96
C LYS B 132 -6.61 -1.40 -16.26
N SER B 133 -7.80 -1.10 -16.78
CA SER B 133 -8.25 0.29 -17.00
C SER B 133 -8.21 1.09 -15.68
N LEU B 134 -8.85 0.55 -14.65
CA LEU B 134 -8.87 1.21 -13.31
C LEU B 134 -7.50 1.41 -12.73
N VAL B 135 -6.66 0.38 -12.82
CA VAL B 135 -5.30 0.44 -12.28
C VAL B 135 -4.48 1.48 -13.01
N LYS B 136 -4.61 1.57 -14.32
CA LYS B 136 -3.89 2.54 -15.13
C LYS B 136 -4.45 3.98 -15.05
N GLN B 137 -5.74 4.12 -14.80
CA GLN B 137 -6.31 5.44 -14.45
C GLN B 137 -5.66 5.91 -13.16
N ALA B 138 -5.56 5.02 -12.16
CA ALA B 138 -5.11 5.46 -10.84
C ALA B 138 -3.64 5.81 -10.92
N ASP B 139 -2.90 5.03 -11.67
CA ASP B 139 -1.43 5.26 -11.84
C ASP B 139 -1.10 6.63 -12.46
N ALA B 140 -1.82 6.96 -13.53
CA ALA B 140 -1.67 8.25 -14.19
C ALA B 140 -2.10 9.41 -13.28
N LEU B 141 -3.17 9.21 -12.50
CA LEU B 141 -3.60 10.31 -11.58
C LEU B 141 -2.61 10.56 -10.47
N CYS B 142 -2.11 9.48 -9.88
CA CYS B 142 -1.03 9.56 -8.89
C CYS B 142 0.24 10.22 -9.45
N ALA B 143 0.67 9.81 -10.63
CA ALA B 143 1.76 10.54 -11.34
C ALA B 143 1.41 12.03 -11.53
N TYR B 144 0.19 12.31 -11.97
CA TYR B 144 -0.23 13.68 -12.16
C TYR B 144 -0.26 14.45 -10.82
N LEU B 145 -0.83 13.82 -9.79
CA LEU B 145 -0.82 14.40 -8.46
C LEU B 145 0.60 14.69 -7.93
N LYS B 146 1.61 13.88 -8.31
CA LYS B 146 3.00 14.14 -7.89
C LYS B 146 3.51 15.41 -8.53
N CYS B 147 3.11 15.60 -9.77
CA CYS B 147 3.47 16.78 -10.56
C CYS B 147 2.91 18.02 -9.88
N LEU B 148 1.63 18.03 -9.52
CA LEU B 148 1.03 19.14 -8.74
C LEU B 148 1.74 19.42 -7.39
N GLU B 149 2.07 18.37 -6.64
CA GLU B 149 2.79 18.58 -5.38
C GLU B 149 4.15 19.25 -5.61
N GLU B 150 4.83 18.84 -6.66
CA GLU B 150 6.15 19.34 -7.01
C GLU B 150 6.07 20.75 -7.53
N LEU B 151 5.03 21.00 -8.32
CA LEU B 151 4.70 22.37 -8.74
C LEU B 151 4.37 23.30 -7.63
N ALA B 152 3.52 22.82 -6.73
CA ALA B 152 3.11 23.63 -5.57
C ALA B 152 4.29 24.02 -4.64
N ALA B 153 5.36 23.23 -4.64
CA ALA B 153 6.54 23.51 -3.86
C ALA B 153 7.57 24.22 -4.72
N GLY B 154 7.12 24.86 -5.81
CA GLY B 154 8.00 25.74 -6.61
C GLY B 154 9.04 24.96 -7.36
N ASN B 155 8.71 23.73 -7.77
CA ASN B 155 9.62 22.95 -8.63
C ASN B 155 9.03 22.87 -10.05
N ASN B 156 9.60 23.66 -10.96
CA ASN B 156 9.16 23.77 -12.36
C ASN B 156 9.64 22.66 -13.26
N GLU B 157 10.56 21.82 -12.79
CA GLU B 157 11.01 20.68 -13.56
C GLU B 157 9.90 19.70 -13.93
N PHE B 158 8.81 19.67 -13.17
CA PHE B 158 7.66 18.81 -13.47
C PHE B 158 6.58 19.43 -14.40
N LEU B 159 6.88 20.55 -15.01
CA LEU B 159 5.93 21.21 -15.94
C LEU B 159 5.60 20.36 -17.15
N LEU B 160 6.66 19.96 -17.85
CA LEU B 160 6.57 19.03 -18.98
C LEU B 160 5.80 17.74 -18.65
N ALA B 161 6.10 17.14 -17.50
CA ALA B 161 5.56 15.86 -17.13
C ALA B 161 4.05 16.05 -16.90
N LYS B 162 3.69 17.20 -16.33
CA LYS B 162 2.32 17.49 -16.03
C LYS B 162 1.55 17.55 -17.31
N THR B 163 2.12 18.22 -18.32
CA THR B 163 1.44 18.37 -19.60
C THR B 163 1.23 17.00 -20.27
N ARG B 164 2.22 16.10 -20.31
CA ARG B 164 1.92 14.81 -20.93
C ARG B 164 1.07 13.93 -20.08
N LEU B 165 1.22 14.03 -18.76
CA LEU B 165 0.28 13.32 -17.91
C LEU B 165 -1.14 13.72 -18.22
N GLU B 166 -1.35 14.97 -18.61
CA GLU B 166 -2.67 15.45 -18.90
C GLU B 166 -3.22 14.83 -20.18
N ALA B 167 -2.34 14.63 -21.16
CA ALA B 167 -2.71 13.89 -22.37
C ALA B 167 -3.07 12.44 -22.02
N THR B 168 -2.27 11.82 -21.16
CA THR B 168 -2.56 10.46 -20.72
C THR B 168 -3.94 10.34 -20.03
N LEU B 169 -4.23 11.29 -19.16
CA LEU B 169 -5.44 11.30 -18.37
C LEU B 169 -6.67 11.38 -19.26
N GLU B 170 -6.64 12.26 -20.24
CA GLU B 170 -7.66 12.30 -21.28
C GLU B 170 -7.75 10.99 -22.04
N ALA B 171 -6.62 10.44 -22.48
CA ALA B 171 -6.67 9.14 -23.14
C ALA B 171 -7.40 8.10 -22.26
N ARG B 172 -7.18 8.14 -20.95
CA ARG B 172 -7.78 7.15 -20.06
C ARG B 172 -9.05 7.65 -19.35
N ARG B 173 -9.60 8.76 -19.84
CA ARG B 173 -10.87 9.42 -19.37
C ARG B 173 -12.02 8.44 -19.01
N SER B 174 -12.71 8.65 -17.89
CA SER B 174 -13.89 7.83 -17.52
C SER B 174 -14.78 8.64 -16.63
N GLN B 175 -16.02 8.22 -16.44
CA GLN B 175 -16.91 8.97 -15.52
C GLN B 175 -16.34 8.96 -14.10
N GLU B 176 -15.74 7.84 -13.70
CA GLU B 176 -15.29 7.76 -12.34
C GLU B 176 -14.05 8.64 -12.11
N ASP B 178 -13.55 11.46 -13.90
CA ASP B 178 -14.16 12.80 -13.93
C ASP B 178 -14.61 13.19 -12.51
N TYR B 179 -15.31 12.27 -11.86
CA TYR B 179 -15.79 12.52 -10.51
C TYR B 179 -14.60 12.74 -9.57
N PHE B 180 -13.62 11.87 -9.65
CA PHE B 180 -12.49 11.95 -8.77
C PHE B 180 -11.78 13.30 -8.92
N GLU B 182 -13.00 15.98 -10.00
CA GLU B 182 -13.87 17.10 -9.66
C GLU B 182 -13.91 17.28 -8.12
N ILE B 183 -13.94 16.15 -7.43
CA ILE B 183 -14.15 16.13 -6.01
C ILE B 183 -12.86 16.09 -5.12
N PHE B 184 -11.83 15.33 -5.50
CA PHE B 184 -10.65 15.14 -4.61
C PHE B 184 -9.35 15.90 -5.02
N VAL B 185 -9.21 16.21 -6.31
CA VAL B 185 -7.97 16.81 -6.90
C VAL B 185 -7.76 18.33 -6.71
N PRO B 186 -8.83 19.15 -6.70
CA PRO B 186 -8.56 20.56 -6.41
C PRO B 186 -7.79 20.82 -5.10
N SER B 187 -7.95 19.95 -4.10
CA SER B 187 -7.29 20.08 -2.81
C SER B 187 -5.76 19.98 -2.86
N PHE B 188 -5.24 19.33 -3.89
CA PHE B 188 -3.80 19.30 -4.18
C PHE B 188 -3.42 20.54 -4.97
N HIS B 189 -4.42 21.41 -5.23
CA HIS B 189 -4.24 22.81 -5.67
C HIS B 189 -3.92 22.92 -7.17
#